data_8J8X
#
_entry.id   8J8X
#
_cell.length_a   77.069
_cell.length_b   84.091
_cell.length_c   62.735
_cell.angle_alpha   90.00
_cell.angle_beta   100.35
_cell.angle_gamma   90.00
#
_symmetry.space_group_name_H-M   'C 1 2 1'
#
loop_
_entity.id
_entity.type
_entity.pdbx_description
1 polymer '4-hydroxyphenylpyruvate dioxygenase'
2 non-polymer 'COBALT (II) ION'
3 non-polymer 5-(1,3-dimethyl-5-oxidanyl-pyrazol-4-yl)carbonyl-1,4-dimethyl-3-propan-2-yl-benzimidazol-2-one
4 water water
#
_entity_poly.entity_id   1
_entity_poly.type   'polypeptide(L)'
_entity_poly.pdbx_seq_one_letter_code
;GSHMVRKNPKSDKFKVKRFHHIEFWCGDATNVARRFSWGLGMRFSAKSDLSTGNMVHASYLLTSGDLRFLFTAPYSPSLS
AGEIKPTTTASIPSFDHGSCRSFFSSHGLGVRAVAIEVEDAESAFSISVANGAIPSSPPIVLNEAVTIAEVKLYGDVVLR
YVSYKAEDTEKSEFLPGFERVEDASSFPLDYGIRRLDHAVGNVPELGPALTYVAGFTGFHQFAEFTADDVGTAESGLNSA
VLASNDEMVLLPINEPVHGTKRKSQIQTYLEHNEGAGLQHLALMSEDIFRTLREMRKRSSIGGFDFMPSPPPTYYQNLKK
RVGDVLSDDQIKECEELGILVDRDDQGTLLQIFTKPLGDRPTIFIEIIQRVGCMMKDEEGKAYQSGGCGGFGKGNFSELF
KSIEEYEKTLEAKQLVG
;
_entity_poly.pdbx_strand_id   A
#
loop_
_chem_comp.id
_chem_comp.type
_chem_comp.name
_chem_comp.formula
CO non-polymer 'COBALT (II) ION' 'Co 2'
U7O non-polymer 5-(1,3-dimethyl-5-oxidanyl-pyrazol-4-yl)carbonyl-1,4-dimethyl-3-propan-2-yl-benzimidazol-2-one 'C18 H22 N4 O3'
#
# COMPACT_ATOMS: atom_id res chain seq x y z
N LYS A 7 -3.52 -4.92 24.20
CA LYS A 7 -4.90 -5.39 24.30
C LYS A 7 -5.56 -5.48 22.92
N ASN A 8 -6.04 -6.68 22.59
CA ASN A 8 -6.66 -6.95 21.31
C ASN A 8 -8.07 -7.50 21.55
N PRO A 9 -9.10 -6.65 21.47
CA PRO A 9 -10.46 -7.13 21.76
C PRO A 9 -11.06 -8.03 20.69
N LYS A 10 -10.38 -8.21 19.55
CA LYS A 10 -10.84 -9.07 18.45
C LYS A 10 -12.29 -8.75 18.07
N SER A 11 -12.51 -7.49 17.70
CA SER A 11 -13.85 -6.96 17.50
C SER A 11 -14.25 -6.86 16.03
N ASP A 12 -13.52 -7.50 15.11
CA ASP A 12 -13.89 -7.48 13.70
C ASP A 12 -15.35 -7.85 13.52
N LYS A 13 -16.08 -7.05 12.76
CA LYS A 13 -17.50 -7.30 12.54
C LYS A 13 -17.74 -8.33 11.44
N PHE A 14 -16.70 -8.76 10.73
CA PHE A 14 -16.80 -9.82 9.72
C PHE A 14 -15.43 -10.43 9.56
N LYS A 15 -15.38 -11.64 8.99
CA LYS A 15 -14.14 -12.40 8.93
C LYS A 15 -13.23 -11.82 7.85
N VAL A 16 -12.05 -11.36 8.25
CA VAL A 16 -11.06 -10.77 7.36
C VAL A 16 -9.88 -11.71 7.26
N LYS A 17 -9.35 -11.88 6.06
CA LYS A 17 -8.21 -12.78 5.90
C LYS A 17 -6.93 -11.98 5.75
N ARG A 18 -6.57 -11.60 4.53
CA ARG A 18 -5.33 -10.88 4.30
C ARG A 18 -5.56 -9.79 3.28
N PHE A 19 -4.62 -8.85 3.21
CA PHE A 19 -4.55 -7.95 2.05
C PHE A 19 -4.56 -8.77 0.78
N HIS A 20 -5.31 -8.33 -0.22
CA HIS A 20 -5.45 -9.08 -1.45
C HIS A 20 -4.75 -8.40 -2.62
N HIS A 21 -5.02 -7.11 -2.84
CA HIS A 21 -4.33 -6.39 -3.88
C HIS A 21 -4.47 -4.90 -3.63
N ILE A 22 -3.63 -4.13 -4.32
CA ILE A 22 -3.71 -2.67 -4.35
C ILE A 22 -3.96 -2.28 -5.79
N GLU A 23 -4.93 -1.41 -6.03
CA GLU A 23 -5.20 -0.94 -7.40
C GLU A 23 -4.85 0.53 -7.55
N PHE A 24 -3.96 0.81 -8.50
CA PHE A 24 -3.63 2.16 -8.94
C PHE A 24 -4.52 2.55 -10.10
N TRP A 25 -5.06 3.76 -10.05
CA TRP A 25 -5.73 4.34 -11.21
C TRP A 25 -4.74 5.26 -11.92
N CYS A 26 -4.60 5.03 -13.22
CA CYS A 26 -3.54 5.58 -14.07
C CYS A 26 -4.15 6.28 -15.27
N GLY A 27 -3.31 7.06 -15.94
CA GLY A 27 -3.73 7.54 -17.24
C GLY A 27 -3.34 6.55 -18.33
N ASP A 28 -2.17 5.94 -18.19
CA ASP A 28 -1.70 4.90 -19.09
C ASP A 28 -1.17 3.76 -18.22
N ALA A 29 -1.92 2.67 -18.14
CA ALA A 29 -1.53 1.60 -17.24
C ALA A 29 -0.27 0.88 -17.72
N THR A 30 -0.06 0.80 -19.04
CA THR A 30 1.11 0.10 -19.60
C THR A 30 2.41 0.70 -19.07
N ASN A 31 2.56 2.02 -19.19
CA ASN A 31 3.84 2.61 -18.83
C ASN A 31 4.07 2.57 -17.33
N VAL A 32 3.03 2.80 -16.53
CA VAL A 32 3.22 2.72 -15.08
C VAL A 32 3.56 1.29 -14.67
N ALA A 33 2.82 0.31 -15.21
CA ALA A 33 3.08 -1.07 -14.82
C ALA A 33 4.48 -1.52 -15.22
N ARG A 34 4.93 -1.13 -16.41
CA ARG A 34 6.28 -1.54 -16.84
C ARG A 34 7.35 -0.88 -15.96
N ARG A 35 7.17 0.39 -15.60
CA ARG A 35 8.11 1.06 -14.71
C ARG A 35 8.16 0.36 -13.36
N PHE A 36 6.99 0.10 -12.77
CA PHE A 36 6.93 -0.55 -11.47
C PHE A 36 7.53 -1.96 -11.51
N SER A 37 7.28 -2.70 -12.60
CA SER A 37 7.79 -4.06 -12.70
C SER A 37 9.31 -4.09 -12.60
N TRP A 38 9.96 -3.21 -13.36
CA TRP A 38 11.42 -3.15 -13.37
C TRP A 38 11.95 -2.56 -12.07
N GLY A 39 11.28 -1.55 -11.54
CA GLY A 39 11.79 -0.87 -10.34
C GLY A 39 11.68 -1.71 -9.07
N LEU A 40 10.64 -2.52 -8.94
CA LEU A 40 10.35 -3.28 -7.72
C LEU A 40 10.59 -4.76 -7.87
N GLY A 41 10.81 -5.26 -9.08
CA GLY A 41 11.05 -6.67 -9.29
C GLY A 41 9.78 -7.48 -9.19
N MET A 42 8.73 -7.05 -9.86
CA MET A 42 7.46 -7.74 -9.88
C MET A 42 7.20 -8.26 -11.28
N ARG A 43 6.61 -9.44 -11.36
CA ARG A 43 6.36 -10.05 -12.66
C ARG A 43 4.96 -9.70 -13.16
N PHE A 44 4.83 -9.59 -14.47
CA PHE A 44 3.52 -9.48 -15.11
C PHE A 44 2.82 -10.83 -15.05
N SER A 45 1.69 -10.90 -14.33
CA SER A 45 1.04 -12.19 -14.15
C SER A 45 -0.35 -12.29 -14.76
N ALA A 46 -1.07 -11.18 -14.97
CA ALA A 46 -2.40 -11.28 -15.54
C ALA A 46 -2.75 -9.97 -16.23
N LYS A 47 -3.69 -10.05 -17.16
CA LYS A 47 -4.16 -8.87 -17.88
C LYS A 47 -5.65 -8.96 -18.18
N SER A 48 -6.27 -7.78 -18.33
CA SER A 48 -7.63 -7.66 -18.83
C SER A 48 -7.62 -6.40 -19.68
N ASP A 49 -7.80 -6.54 -20.99
CA ASP A 49 -7.62 -5.40 -21.89
C ASP A 49 -8.27 -5.75 -23.23
N LEU A 50 -7.99 -4.95 -24.25
CA LEU A 50 -8.59 -5.19 -25.56
C LEU A 50 -8.34 -6.61 -26.04
N SER A 51 -7.14 -7.14 -25.80
CA SER A 51 -6.84 -8.49 -26.27
C SER A 51 -7.62 -9.57 -25.54
N THR A 52 -8.21 -9.26 -24.38
CA THR A 52 -9.04 -10.22 -23.66
C THR A 52 -10.53 -9.90 -23.80
N GLY A 53 -10.89 -8.97 -24.67
CA GLY A 53 -12.27 -8.62 -24.92
C GLY A 53 -12.80 -7.47 -24.09
N ASN A 54 -11.98 -6.85 -23.26
CA ASN A 54 -12.40 -5.74 -22.40
C ASN A 54 -12.29 -4.45 -23.19
N MET A 55 -13.44 -3.85 -23.53
CA MET A 55 -13.50 -2.63 -24.30
C MET A 55 -13.57 -1.39 -23.43
N VAL A 56 -13.47 -1.56 -22.12
CA VAL A 56 -13.76 -0.51 -21.16
C VAL A 56 -12.49 0.01 -20.50
N HIS A 57 -11.67 -0.89 -19.97
CA HIS A 57 -10.48 -0.49 -19.24
C HIS A 57 -9.35 -1.46 -19.54
N ALA A 58 -8.13 -0.95 -19.41
CA ALA A 58 -6.92 -1.76 -19.51
C ALA A 58 -6.42 -1.97 -18.09
N SER A 59 -6.24 -3.24 -17.69
CA SER A 59 -5.81 -3.58 -16.34
C SER A 59 -4.68 -4.60 -16.40
N TYR A 60 -3.58 -4.31 -15.70
CA TYR A 60 -2.42 -5.18 -15.71
C TYR A 60 -2.01 -5.49 -14.27
N LEU A 61 -1.81 -6.78 -13.98
CA LEU A 61 -1.52 -7.24 -12.63
C LEU A 61 -0.04 -7.63 -12.54
N LEU A 62 0.67 -7.04 -11.57
CA LEU A 62 2.03 -7.42 -11.21
C LEU A 62 2.02 -8.17 -9.89
N THR A 63 2.91 -9.16 -9.75
CA THR A 63 2.97 -9.93 -8.51
C THR A 63 4.41 -10.11 -8.06
N SER A 64 4.60 -10.11 -6.74
CA SER A 64 5.87 -10.56 -6.16
C SER A 64 5.50 -11.27 -4.88
N GLY A 65 5.72 -12.59 -4.83
CA GLY A 65 5.21 -13.33 -3.70
C GLY A 65 3.70 -13.22 -3.62
N ASP A 66 3.20 -12.79 -2.46
CA ASP A 66 1.77 -12.58 -2.26
C ASP A 66 1.34 -11.15 -2.58
N LEU A 67 2.29 -10.27 -2.90
CA LEU A 67 1.95 -8.89 -3.21
C LEU A 67 1.38 -8.80 -4.62
N ARG A 68 0.24 -8.12 -4.75
CA ARG A 68 -0.46 -7.94 -6.02
C ARG A 68 -0.69 -6.45 -6.22
N PHE A 69 -0.11 -5.90 -7.28
CA PHE A 69 -0.34 -4.53 -7.70
C PHE A 69 -1.11 -4.56 -9.03
N LEU A 70 -2.26 -3.89 -9.06
CA LEU A 70 -3.07 -3.78 -10.26
C LEU A 70 -3.01 -2.35 -10.78
N PHE A 71 -2.80 -2.19 -12.09
CA PHE A 71 -2.73 -0.88 -12.76
C PHE A 71 -3.84 -0.80 -13.79
N THR A 72 -4.71 0.20 -13.66
CA THR A 72 -5.90 0.30 -14.49
C THR A 72 -6.03 1.70 -15.07
N ALA A 73 -6.41 1.76 -16.34
CA ALA A 73 -6.65 3.02 -17.04
C ALA A 73 -7.85 2.86 -17.95
N PRO A 74 -8.58 3.93 -18.21
CA PRO A 74 -9.73 3.83 -19.12
C PRO A 74 -9.36 3.94 -20.59
N TYR A 75 -10.11 3.21 -21.42
CA TYR A 75 -10.09 3.42 -22.87
C TYR A 75 -11.02 4.56 -23.24
N SER A 76 -11.04 4.93 -24.52
CA SER A 76 -12.06 5.86 -24.99
C SER A 76 -13.44 5.32 -24.67
N PRO A 77 -14.33 6.11 -24.05
CA PRO A 77 -15.71 5.64 -23.84
C PRO A 77 -16.40 5.22 -25.12
N SER A 78 -15.96 5.74 -26.28
CA SER A 78 -16.60 5.38 -27.54
C SER A 78 -16.50 3.90 -27.84
N LEU A 79 -15.47 3.20 -27.32
CA LEU A 79 -15.35 1.77 -27.61
C LEU A 79 -16.46 0.95 -26.99
N SER A 80 -17.11 1.47 -25.95
CA SER A 80 -18.11 0.73 -25.19
C SER A 80 -19.42 1.51 -25.11
N ALA A 81 -19.64 2.45 -26.03
CA ALA A 81 -20.78 3.34 -25.92
C ALA A 81 -22.11 2.59 -26.05
N GLY A 82 -22.12 1.45 -26.72
CA GLY A 82 -23.34 0.68 -26.85
C GLY A 82 -23.62 -0.25 -25.69
N GLU A 83 -22.65 -0.42 -24.78
CA GLU A 83 -22.82 -1.31 -23.65
C GLU A 83 -23.68 -0.67 -22.56
N ILE A 84 -24.35 -1.53 -21.79
CA ILE A 84 -24.94 -1.14 -20.52
C ILE A 84 -24.35 -2.06 -19.46
N LYS A 85 -24.60 -1.73 -18.20
CA LYS A 85 -24.01 -2.56 -17.15
C LYS A 85 -24.35 -4.04 -17.31
N PRO A 86 -25.59 -4.44 -17.63
CA PRO A 86 -25.85 -5.87 -17.89
C PRO A 86 -25.03 -6.46 -19.04
N THR A 87 -24.56 -5.67 -20.00
CA THR A 87 -23.82 -6.19 -21.15
C THR A 87 -22.35 -5.76 -21.14
N THR A 88 -21.83 -5.34 -19.99
CA THR A 88 -20.48 -4.76 -19.94
C THR A 88 -19.41 -5.79 -20.28
N THR A 89 -18.35 -5.31 -20.93
CA THR A 89 -17.15 -6.12 -21.13
C THR A 89 -16.08 -5.81 -20.09
N ALA A 90 -16.33 -4.90 -19.16
CA ALA A 90 -15.38 -4.64 -18.09
C ALA A 90 -15.24 -5.86 -17.19
N SER A 91 -14.01 -6.17 -16.81
CA SER A 91 -13.75 -7.24 -15.87
C SER A 91 -13.86 -6.79 -14.42
N ILE A 92 -13.77 -5.50 -14.17
CA ILE A 92 -13.99 -4.98 -12.82
C ILE A 92 -15.26 -4.15 -12.86
N PRO A 93 -16.39 -4.69 -12.39
CA PRO A 93 -17.68 -4.02 -12.63
C PRO A 93 -17.83 -2.69 -11.92
N SER A 94 -17.04 -2.41 -10.89
CA SER A 94 -17.09 -1.11 -10.25
C SER A 94 -16.46 0.00 -11.08
N PHE A 95 -15.71 -0.34 -12.13
CA PHE A 95 -15.01 0.69 -12.88
C PHE A 95 -16.00 1.64 -13.55
N ASP A 96 -15.66 2.92 -13.55
CA ASP A 96 -16.44 3.93 -14.26
C ASP A 96 -15.48 4.92 -14.92
N HIS A 97 -15.66 5.15 -16.23
CA HIS A 97 -14.77 6.06 -16.97
C HIS A 97 -14.68 7.42 -16.28
N GLY A 98 -15.84 8.02 -15.99
CA GLY A 98 -15.85 9.34 -15.40
C GLY A 98 -15.16 9.39 -14.04
N SER A 99 -15.43 8.40 -13.18
CA SER A 99 -14.78 8.36 -11.87
C SER A 99 -13.27 8.26 -12.02
N CYS A 100 -12.82 7.42 -12.94
CA CYS A 100 -11.38 7.21 -13.08
C CYS A 100 -10.70 8.47 -13.61
N ARG A 101 -11.29 9.10 -14.63
CA ARG A 101 -10.71 10.33 -15.13
C ARG A 101 -10.74 11.44 -14.09
N SER A 102 -11.85 11.53 -13.33
CA SER A 102 -11.94 12.53 -12.27
C SER A 102 -10.90 12.28 -11.18
N PHE A 103 -10.74 11.02 -10.78
CA PHE A 103 -9.72 10.68 -9.78
C PHE A 103 -8.34 11.10 -10.25
N PHE A 104 -7.99 10.75 -11.48
CA PHE A 104 -6.62 10.99 -11.93
C PHE A 104 -6.37 12.48 -12.17
N SER A 105 -7.33 13.19 -12.75
CA SER A 105 -7.12 14.62 -12.90
C SER A 105 -7.04 15.31 -11.54
N SER A 106 -7.74 14.80 -10.53
CA SER A 106 -7.72 15.42 -9.20
C SER A 106 -6.45 15.10 -8.43
N HIS A 107 -6.07 13.83 -8.39
CA HIS A 107 -5.02 13.36 -7.48
C HIS A 107 -3.72 12.99 -8.17
N GLY A 108 -3.72 12.84 -9.49
CA GLY A 108 -2.60 12.24 -10.19
C GLY A 108 -2.55 10.74 -9.90
N LEU A 109 -1.43 10.13 -10.29
CA LEU A 109 -1.24 8.70 -10.09
C LEU A 109 -1.34 8.34 -8.62
N GLY A 110 -2.19 7.35 -8.30
CA GLY A 110 -2.34 6.99 -6.91
C GLY A 110 -3.22 5.77 -6.74
N VAL A 111 -3.36 5.37 -5.47
CA VAL A 111 -4.13 4.18 -5.14
C VAL A 111 -5.62 4.54 -5.07
N ARG A 112 -6.42 3.83 -5.86
CA ARG A 112 -7.87 3.90 -5.80
C ARG A 112 -8.45 2.91 -4.81
N ALA A 113 -7.92 1.68 -4.77
CA ALA A 113 -8.51 0.63 -3.96
C ALA A 113 -7.47 -0.10 -3.12
N VAL A 114 -7.79 -0.26 -1.84
CA VAL A 114 -7.10 -1.18 -0.94
C VAL A 114 -8.02 -2.39 -0.79
N ALA A 115 -7.60 -3.53 -1.32
CA ALA A 115 -8.47 -4.70 -1.38
C ALA A 115 -8.05 -5.71 -0.34
N ILE A 116 -9.00 -6.18 0.45
CA ILE A 116 -8.75 -7.23 1.43
C ILE A 116 -9.64 -8.43 1.10
N GLU A 117 -9.10 -9.63 1.30
CA GLU A 117 -9.88 -10.84 1.09
C GLU A 117 -10.67 -11.14 2.35
N VAL A 118 -11.95 -11.44 2.17
CA VAL A 118 -12.86 -11.73 3.27
C VAL A 118 -13.55 -13.05 3.00
N GLU A 119 -14.30 -13.54 3.99
CA GLU A 119 -14.97 -14.81 3.76
C GLU A 119 -16.16 -14.64 2.83
N ASP A 120 -16.84 -13.50 2.93
CA ASP A 120 -18.08 -13.28 2.20
C ASP A 120 -18.18 -11.79 1.94
N ALA A 121 -17.87 -11.38 0.69
CA ALA A 121 -17.86 -9.97 0.35
C ALA A 121 -19.25 -9.35 0.44
N GLU A 122 -20.32 -10.13 0.17
CA GLU A 122 -21.65 -9.55 0.29
C GLU A 122 -22.01 -9.29 1.75
N SER A 123 -21.69 -10.23 2.65
CA SER A 123 -21.93 -9.98 4.06
C SER A 123 -21.05 -8.86 4.57
N ALA A 124 -19.76 -8.84 4.19
CA ALA A 124 -18.89 -7.75 4.60
C ALA A 124 -19.46 -6.40 4.19
N PHE A 125 -19.97 -6.29 2.96
CA PHE A 125 -20.54 -5.04 2.49
C PHE A 125 -21.76 -4.65 3.32
N SER A 126 -22.65 -5.60 3.54
CA SER A 126 -23.90 -5.33 4.25
C SER A 126 -23.64 -4.92 5.70
N ILE A 127 -22.78 -5.66 6.39
CA ILE A 127 -22.42 -5.31 7.76
C ILE A 127 -21.73 -3.96 7.81
N SER A 128 -20.80 -3.69 6.87
CA SER A 128 -20.12 -2.40 6.89
C SER A 128 -21.11 -1.25 6.74
N VAL A 129 -22.02 -1.37 5.77
CA VAL A 129 -22.94 -0.28 5.50
C VAL A 129 -23.94 -0.14 6.64
N ALA A 130 -24.36 -1.27 7.22
CA ALA A 130 -25.23 -1.22 8.40
C ALA A 130 -24.53 -0.55 9.56
N ASN A 131 -23.19 -0.48 9.55
CA ASN A 131 -22.42 0.12 10.62
C ASN A 131 -21.74 1.42 10.20
N GLY A 132 -22.25 2.12 9.19
CA GLY A 132 -21.83 3.47 8.88
C GLY A 132 -21.00 3.65 7.62
N ALA A 133 -20.56 2.57 6.99
CA ALA A 133 -19.76 2.68 5.77
C ALA A 133 -20.58 3.32 4.66
N ILE A 134 -19.92 4.19 3.89
CA ILE A 134 -20.54 4.82 2.72
C ILE A 134 -20.34 3.88 1.54
N PRO A 135 -21.41 3.32 0.97
CA PRO A 135 -21.24 2.39 -0.15
C PRO A 135 -20.62 3.07 -1.36
N SER A 136 -19.75 2.34 -2.04
CA SER A 136 -19.17 2.80 -3.29
C SER A 136 -19.59 1.94 -4.48
N SER A 137 -19.57 0.62 -4.33
CA SER A 137 -20.00 -0.29 -5.38
C SER A 137 -20.64 -1.49 -4.69
N PRO A 138 -21.86 -1.84 -5.05
CA PRO A 138 -22.55 -2.94 -4.37
C PRO A 138 -21.92 -4.27 -4.73
N PRO A 139 -22.19 -5.31 -3.94
CA PRO A 139 -21.58 -6.62 -4.23
C PRO A 139 -22.05 -7.12 -5.59
N ILE A 140 -21.08 -7.62 -6.37
CA ILE A 140 -21.33 -8.18 -7.69
C ILE A 140 -20.60 -9.52 -7.76
N VAL A 141 -21.31 -10.56 -8.20
CA VAL A 141 -20.74 -11.90 -8.32
C VAL A 141 -20.22 -12.07 -9.74
N LEU A 142 -18.93 -12.41 -9.86
CA LEU A 142 -18.27 -12.58 -11.14
C LEU A 142 -18.19 -14.06 -11.48
N ASN A 143 -18.85 -14.45 -12.57
CA ASN A 143 -18.83 -15.83 -13.07
C ASN A 143 -19.11 -16.84 -11.98
N GLU A 144 -20.00 -16.49 -11.06
CA GLU A 144 -20.41 -17.38 -9.96
C GLU A 144 -19.21 -17.90 -9.19
N ALA A 145 -18.17 -17.08 -9.07
CA ALA A 145 -16.92 -17.58 -8.52
C ALA A 145 -16.30 -16.61 -7.53
N VAL A 146 -16.40 -15.31 -7.82
CA VAL A 146 -15.79 -14.28 -6.98
C VAL A 146 -16.82 -13.20 -6.73
N THR A 147 -16.84 -12.67 -5.52
CA THR A 147 -17.70 -11.54 -5.20
C THR A 147 -16.83 -10.35 -4.81
N ILE A 148 -17.15 -9.17 -5.37
CA ILE A 148 -16.42 -7.94 -5.08
C ILE A 148 -17.43 -6.89 -4.66
N ALA A 149 -17.06 -6.07 -3.67
CA ALA A 149 -17.84 -4.94 -3.21
C ALA A 149 -16.89 -3.88 -2.69
N GLU A 150 -17.34 -2.63 -2.67
CA GLU A 150 -16.49 -1.49 -2.30
C GLU A 150 -17.23 -0.50 -1.42
N VAL A 151 -16.56 -0.02 -0.37
CA VAL A 151 -17.06 1.08 0.45
C VAL A 151 -15.98 2.15 0.53
N LYS A 152 -16.38 3.38 0.84
CA LYS A 152 -15.39 4.44 0.93
C LYS A 152 -14.51 4.28 2.15
N LEU A 153 -13.21 4.52 1.97
CA LEU A 153 -12.25 4.46 3.07
C LEU A 153 -11.86 5.86 3.56
N TYR A 154 -11.25 6.66 2.70
CA TYR A 154 -10.97 8.07 2.95
C TYR A 154 -10.67 8.73 1.60
N GLY A 155 -10.96 10.03 1.51
CA GLY A 155 -10.84 10.71 0.23
C GLY A 155 -11.59 9.97 -0.86
N ASP A 156 -10.91 9.72 -1.98
CA ASP A 156 -11.47 8.92 -3.06
C ASP A 156 -10.88 7.51 -3.09
N VAL A 157 -10.34 7.04 -1.97
CA VAL A 157 -9.84 5.68 -1.83
C VAL A 157 -10.97 4.81 -1.30
N VAL A 158 -11.12 3.63 -1.88
CA VAL A 158 -12.13 2.68 -1.43
C VAL A 158 -11.46 1.49 -0.77
N LEU A 159 -12.19 0.88 0.17
CA LEU A 159 -11.83 -0.41 0.71
C LEU A 159 -12.63 -1.44 -0.07
N ARG A 160 -11.94 -2.35 -0.74
CA ARG A 160 -12.56 -3.33 -1.62
C ARG A 160 -12.55 -4.69 -0.93
N TYR A 161 -13.72 -5.30 -0.82
CA TYR A 161 -13.85 -6.64 -0.28
C TYR A 161 -13.89 -7.65 -1.44
N VAL A 162 -13.09 -8.71 -1.34
CA VAL A 162 -13.09 -9.78 -2.33
C VAL A 162 -13.27 -11.10 -1.57
N SER A 163 -14.16 -11.96 -2.06
CA SER A 163 -14.33 -13.29 -1.51
C SER A 163 -14.43 -14.31 -2.64
N TYR A 164 -13.88 -15.50 -2.39
CA TYR A 164 -13.82 -16.57 -3.37
C TYR A 164 -14.63 -17.76 -2.87
N LYS A 165 -15.47 -18.30 -3.74
CA LYS A 165 -16.17 -19.54 -3.40
C LYS A 165 -15.16 -20.67 -3.15
N ALA A 166 -14.26 -20.88 -4.10
CA ALA A 166 -13.23 -21.90 -3.94
C ALA A 166 -11.94 -21.29 -3.40
N GLU A 173 -5.30 -16.85 -11.51
CA GLU A 173 -6.72 -16.92 -11.18
C GLU A 173 -7.16 -15.68 -10.39
N PHE A 174 -6.70 -14.51 -10.83
CA PHE A 174 -6.93 -13.27 -10.11
C PHE A 174 -8.43 -12.98 -10.01
N LEU A 175 -9.04 -12.63 -11.13
CA LEU A 175 -10.47 -12.38 -11.22
C LEU A 175 -10.96 -12.99 -12.52
N PRO A 176 -12.24 -13.34 -12.60
CA PRO A 176 -12.80 -13.79 -13.88
C PRO A 176 -12.63 -12.70 -14.94
N GLY A 177 -12.30 -13.13 -16.15
CA GLY A 177 -12.06 -12.19 -17.22
C GLY A 177 -10.63 -11.73 -17.34
N PHE A 178 -9.79 -11.98 -16.33
CA PHE A 178 -8.36 -11.76 -16.48
C PHE A 178 -7.74 -13.02 -17.07
N GLU A 179 -6.78 -12.82 -17.96
CA GLU A 179 -6.04 -13.92 -18.56
C GLU A 179 -4.62 -13.96 -18.01
N ARG A 180 -4.11 -15.18 -17.83
CA ARG A 180 -2.72 -15.37 -17.45
C ARG A 180 -1.80 -14.81 -18.53
N VAL A 181 -0.69 -14.21 -18.11
CA VAL A 181 0.19 -13.51 -19.04
C VAL A 181 1.16 -14.52 -19.64
N GLU A 182 1.35 -14.45 -20.95
CA GLU A 182 2.15 -15.45 -21.62
C GLU A 182 3.61 -15.33 -21.19
N ASP A 183 4.28 -16.49 -21.08
CA ASP A 183 5.57 -16.55 -20.41
C ASP A 183 6.62 -15.68 -21.08
N ALA A 184 6.46 -15.41 -22.38
CA ALA A 184 7.42 -14.56 -23.09
C ALA A 184 7.39 -13.14 -22.54
N SER A 185 6.20 -12.61 -22.29
CA SER A 185 6.06 -11.29 -21.68
C SER A 185 6.18 -11.34 -20.16
N SER A 186 6.34 -12.53 -19.58
CA SER A 186 6.32 -12.69 -18.12
C SER A 186 7.73 -13.11 -17.70
N PHE A 187 8.62 -12.12 -17.62
CA PHE A 187 9.99 -12.30 -17.17
C PHE A 187 10.01 -12.47 -15.65
N PRO A 188 10.73 -13.50 -15.12
CA PRO A 188 10.59 -13.83 -13.68
C PRO A 188 11.45 -12.95 -12.78
N LEU A 189 11.22 -11.64 -12.82
CA LEU A 189 11.90 -10.74 -11.89
C LEU A 189 11.50 -11.06 -10.46
N ASP A 190 12.45 -10.86 -9.54
CA ASP A 190 12.17 -11.02 -8.11
C ASP A 190 13.30 -10.41 -7.30
N TYR A 191 13.04 -9.33 -6.58
CA TYR A 191 14.05 -8.71 -5.72
C TYR A 191 13.80 -9.02 -4.24
N GLY A 192 12.86 -9.91 -3.94
CA GLY A 192 12.63 -10.36 -2.57
C GLY A 192 11.37 -9.82 -1.90
N ILE A 193 10.60 -8.97 -2.58
CA ILE A 193 9.39 -8.46 -1.93
C ILE A 193 8.34 -9.57 -1.90
N ARG A 194 7.64 -9.69 -0.76
CA ARG A 194 6.77 -10.84 -0.57
C ARG A 194 5.31 -10.50 -0.20
N ARG A 195 5.05 -9.36 0.43
CA ARG A 195 3.65 -9.06 0.75
C ARG A 195 3.49 -7.61 1.19
N LEU A 196 2.24 -7.16 1.20
CA LEU A 196 1.91 -5.85 1.76
C LEU A 196 1.83 -5.94 3.28
N ASP A 197 2.62 -5.12 3.96
CA ASP A 197 2.60 -5.09 5.41
C ASP A 197 1.58 -4.10 5.96
N HIS A 198 1.52 -2.89 5.41
CA HIS A 198 0.51 -1.92 5.83
C HIS A 198 0.34 -0.87 4.74
N ALA A 199 -0.80 -0.20 4.82
CA ALA A 199 -1.20 0.83 3.86
C ALA A 199 -1.69 2.03 4.65
N VAL A 200 -1.12 3.20 4.40
CA VAL A 200 -1.25 4.37 5.28
C VAL A 200 -1.98 5.48 4.55
N GLY A 201 -3.01 6.04 5.20
CA GLY A 201 -3.74 7.17 4.65
C GLY A 201 -3.38 8.48 5.34
N ASN A 202 -3.48 9.58 4.58
CA ASN A 202 -3.37 10.93 5.12
C ASN A 202 -4.73 11.60 5.06
N VAL A 203 -5.14 12.19 6.18
CA VAL A 203 -6.42 12.88 6.27
C VAL A 203 -6.21 14.23 6.94
N PRO A 204 -7.15 15.17 6.76
CA PRO A 204 -7.04 16.44 7.49
C PRO A 204 -7.32 16.30 8.98
N GLU A 205 -8.22 15.41 9.38
CA GLU A 205 -8.58 15.23 10.78
C GLU A 205 -8.62 13.76 11.13
N LEU A 206 -7.76 13.36 12.07
CA LEU A 206 -7.59 11.95 12.39
C LEU A 206 -8.80 11.38 13.13
N GLY A 207 -9.36 12.14 14.08
CA GLY A 207 -10.44 11.65 14.91
C GLY A 207 -11.62 11.10 14.14
N PRO A 208 -12.26 11.95 13.31
CA PRO A 208 -13.39 11.48 12.50
C PRO A 208 -13.04 10.36 11.54
N ALA A 209 -11.82 10.35 10.98
CA ALA A 209 -11.44 9.28 10.09
C ALA A 209 -11.36 7.94 10.83
N LEU A 210 -10.72 7.92 12.01
CA LEU A 210 -10.61 6.70 12.80
C LEU A 210 -11.99 6.20 13.23
N THR A 211 -12.81 7.10 13.76
CA THR A 211 -14.15 6.73 14.21
C THR A 211 -14.95 6.11 13.08
N TYR A 212 -14.87 6.68 11.89
CA TYR A 212 -15.59 6.15 10.73
C TYR A 212 -15.12 4.74 10.39
N VAL A 213 -13.80 4.56 10.18
CA VAL A 213 -13.32 3.26 9.72
C VAL A 213 -13.47 2.20 10.80
N ALA A 214 -13.03 2.50 12.02
CA ALA A 214 -13.19 1.51 13.09
C ALA A 214 -14.66 1.21 13.32
N GLY A 215 -15.52 2.21 13.05
CA GLY A 215 -16.95 2.03 13.22
C GLY A 215 -17.52 0.93 12.34
N PHE A 216 -17.17 0.94 11.05
CA PHE A 216 -17.80 -0.04 10.17
C PHE A 216 -17.02 -1.35 10.03
N THR A 217 -15.75 -1.40 10.46
CA THR A 217 -14.97 -2.63 10.39
C THR A 217 -14.90 -3.39 11.70
N GLY A 218 -14.95 -2.68 12.82
CA GLY A 218 -14.58 -3.29 14.07
C GLY A 218 -13.09 -3.49 14.24
N PHE A 219 -12.27 -2.91 13.37
CA PHE A 219 -10.84 -2.94 13.60
C PHE A 219 -10.51 -2.19 14.88
N HIS A 220 -9.51 -2.67 15.60
CA HIS A 220 -9.12 -2.07 16.88
C HIS A 220 -7.85 -1.26 16.72
N GLN A 221 -7.61 -0.40 17.72
CA GLN A 221 -6.39 0.39 17.71
C GLN A 221 -5.21 -0.48 18.09
N PHE A 222 -4.20 -0.49 17.23
CA PHE A 222 -2.99 -1.26 17.46
C PHE A 222 -2.08 -0.52 18.43
N ALA A 223 -1.38 -1.30 19.24
CA ALA A 223 -0.42 -0.79 20.24
C ALA A 223 0.41 0.39 19.73
N GLU A 234 5.95 17.95 17.03
CA GLU A 234 7.39 17.67 17.12
C GLU A 234 7.92 17.14 15.78
N SER A 235 7.07 16.40 15.07
CA SER A 235 7.42 15.80 13.79
C SER A 235 6.44 16.15 12.67
N GLY A 236 5.32 16.79 12.97
CA GLY A 236 4.38 17.21 11.95
C GLY A 236 3.19 16.30 11.75
N LEU A 237 3.04 15.25 12.55
CA LEU A 237 1.91 14.34 12.35
C LEU A 237 1.46 13.76 13.68
N ASN A 238 0.16 13.44 13.73
CA ASN A 238 -0.40 12.52 14.70
C ASN A 238 -0.96 11.34 13.92
N SER A 239 -0.84 10.15 14.48
CA SER A 239 -1.33 8.99 13.74
C SER A 239 -1.86 7.94 14.70
N ALA A 240 -2.53 6.95 14.12
CA ALA A 240 -3.02 5.80 14.84
C ALA A 240 -3.19 4.68 13.84
N VAL A 241 -3.16 3.45 14.32
CA VAL A 241 -3.17 2.28 13.46
C VAL A 241 -4.39 1.44 13.79
N LEU A 242 -5.18 1.11 12.78
CA LEU A 242 -6.29 0.19 12.90
C LEU A 242 -5.87 -1.19 12.41
N ALA A 243 -6.31 -2.24 13.11
CA ALA A 243 -5.85 -3.59 12.84
C ALA A 243 -6.99 -4.59 12.90
N SER A 244 -6.90 -5.62 12.07
CA SER A 244 -7.83 -6.73 12.10
C SER A 244 -7.54 -7.62 13.30
N ASN A 245 -8.35 -8.67 13.46
CA ASN A 245 -8.29 -9.54 14.65
C ASN A 245 -6.90 -10.14 14.84
N ASP A 246 -6.32 -10.71 13.80
CA ASP A 246 -4.97 -11.27 13.93
C ASP A 246 -3.88 -10.24 13.60
N GLU A 247 -4.28 -8.99 13.36
CA GLU A 247 -3.37 -7.86 13.17
C GLU A 247 -2.48 -8.04 11.95
N MET A 248 -2.98 -8.78 10.95
CA MET A 248 -2.33 -8.93 9.66
C MET A 248 -2.79 -7.89 8.64
N VAL A 249 -3.97 -7.33 8.80
CA VAL A 249 -4.42 -6.18 8.02
C VAL A 249 -4.21 -4.95 8.90
N LEU A 250 -3.34 -4.05 8.44
CA LEU A 250 -2.93 -2.89 9.23
C LEU A 250 -3.13 -1.64 8.40
N LEU A 251 -3.92 -0.71 8.94
CA LEU A 251 -4.35 0.49 8.21
C LEU A 251 -4.09 1.70 9.09
N PRO A 252 -2.86 2.19 9.12
CA PRO A 252 -2.59 3.44 9.83
C PRO A 252 -3.20 4.64 9.12
N ILE A 253 -3.47 5.69 9.90
CA ILE A 253 -3.97 6.97 9.40
C ILE A 253 -3.21 8.10 10.09
N ASN A 254 -2.80 9.11 9.31
CA ASN A 254 -2.08 10.28 9.78
C ASN A 254 -2.90 11.54 9.58
N GLU A 255 -2.73 12.51 10.48
CA GLU A 255 -3.19 13.87 10.30
C GLU A 255 -2.01 14.82 10.51
N PRO A 256 -2.05 16.00 9.92
CA PRO A 256 -0.97 16.96 10.13
C PRO A 256 -1.04 17.65 11.49
N VAL A 257 0.11 18.14 11.92
CA VAL A 257 0.22 18.99 13.10
C VAL A 257 0.69 20.36 12.63
N HIS A 258 -0.16 21.37 12.82
CA HIS A 258 0.07 22.70 12.28
C HIS A 258 0.86 23.56 13.26
N GLY A 259 1.37 24.67 12.75
CA GLY A 259 2.03 25.67 13.57
C GLY A 259 3.48 25.38 13.88
N THR A 260 4.06 24.34 13.32
CA THR A 260 5.45 23.99 13.60
C THR A 260 6.39 24.79 12.73
N LYS A 261 7.68 24.81 13.12
CA LYS A 261 8.69 25.51 12.35
C LYS A 261 8.76 24.96 10.93
N ARG A 262 8.97 23.66 10.79
CA ARG A 262 8.97 22.99 9.50
C ARG A 262 7.56 22.58 9.12
N LYS A 263 7.16 22.86 7.88
CA LYS A 263 5.81 22.56 7.43
C LYS A 263 5.58 21.04 7.42
N SER A 264 4.42 20.64 7.91
CA SER A 264 4.09 19.21 7.98
C SER A 264 4.08 18.58 6.59
N GLN A 265 4.78 17.46 6.45
CA GLN A 265 4.72 16.71 5.20
C GLN A 265 3.33 16.13 4.95
N ILE A 266 2.54 15.91 6.01
CA ILE A 266 1.15 15.50 5.83
C ILE A 266 0.35 16.62 5.17
N GLN A 267 0.58 17.86 5.61
CA GLN A 267 -0.11 18.99 4.99
C GLN A 267 0.32 19.17 3.54
N THR A 268 1.63 19.00 3.25
CA THR A 268 2.09 19.08 1.88
C THR A 268 1.39 18.05 1.02
N TYR A 269 1.29 16.81 1.52
CA TYR A 269 0.55 15.77 0.81
C TYR A 269 -0.86 16.24 0.48
N LEU A 270 -1.60 16.70 1.49
CA LEU A 270 -3.00 17.07 1.29
C LEU A 270 -3.12 18.18 0.26
N GLU A 271 -2.16 19.09 0.22
CA GLU A 271 -2.20 20.17 -0.75
C GLU A 271 -1.97 19.66 -2.17
N HIS A 272 -0.94 18.85 -2.37
CA HIS A 272 -0.62 18.38 -3.71
C HIS A 272 -1.54 17.27 -4.19
N ASN A 273 -2.15 16.52 -3.28
CA ASN A 273 -3.08 15.46 -3.64
C ASN A 273 -4.51 15.95 -3.85
N GLU A 274 -4.80 17.22 -3.54
CA GLU A 274 -6.18 17.71 -3.44
C GLU A 274 -6.98 16.87 -2.44
N GLY A 275 -6.43 16.71 -1.25
CA GLY A 275 -7.17 16.16 -0.13
C GLY A 275 -6.66 14.79 0.30
N ALA A 276 -7.49 14.13 1.10
CA ALA A 276 -7.11 12.87 1.71
C ALA A 276 -6.83 11.81 0.65
N GLY A 277 -5.94 10.89 0.99
CA GLY A 277 -5.64 9.78 0.12
C GLY A 277 -4.58 8.88 0.72
N LEU A 278 -4.16 7.89 -0.05
CA LEU A 278 -3.18 6.94 0.45
C LEU A 278 -1.78 7.54 0.34
N GLN A 279 -1.06 7.54 1.46
CA GLN A 279 0.26 8.14 1.54
C GLN A 279 1.38 7.15 1.21
N HIS A 280 1.41 6.00 1.87
CA HIS A 280 2.47 5.06 1.51
C HIS A 280 2.00 3.62 1.65
N LEU A 281 2.66 2.77 0.88
CA LEU A 281 2.51 1.32 0.95
C LEU A 281 3.80 0.74 1.49
N ALA A 282 3.71 -0.08 2.51
CA ALA A 282 4.89 -0.69 3.09
C ALA A 282 4.93 -2.14 2.62
N LEU A 283 6.01 -2.52 1.94
CA LEU A 283 6.14 -3.82 1.32
C LEU A 283 7.16 -4.62 2.10
N MET A 284 6.75 -5.78 2.60
CA MET A 284 7.66 -6.65 3.33
C MET A 284 8.57 -7.39 2.37
N SER A 285 9.86 -7.40 2.70
CA SER A 285 10.88 -8.17 2.00
C SER A 285 11.31 -9.36 2.85
N GLU A 286 11.59 -10.47 2.20
CA GLU A 286 12.22 -11.59 2.92
C GLU A 286 13.72 -11.43 3.06
N ASP A 287 14.30 -10.40 2.44
CA ASP A 287 15.74 -10.15 2.52
C ASP A 287 15.94 -8.69 2.11
N ILE A 288 15.80 -7.78 3.08
CA ILE A 288 15.77 -6.37 2.74
C ILE A 288 17.11 -5.93 2.15
N PHE A 289 18.20 -6.60 2.53
CA PHE A 289 19.49 -6.26 1.93
C PHE A 289 19.48 -6.54 0.43
N ARG A 290 18.99 -7.71 0.03
CA ARG A 290 18.93 -8.00 -1.39
C ARG A 290 17.99 -7.04 -2.09
N THR A 291 16.82 -6.80 -1.50
CA THR A 291 15.86 -5.92 -2.17
C THR A 291 16.45 -4.55 -2.42
N LEU A 292 17.15 -4.00 -1.44
CA LEU A 292 17.67 -2.64 -1.59
C LEU A 292 18.85 -2.60 -2.54
N ARG A 293 19.71 -3.63 -2.50
CA ARG A 293 20.77 -3.69 -3.51
C ARG A 293 20.17 -3.69 -4.91
N GLU A 294 19.14 -4.51 -5.14
CA GLU A 294 18.56 -4.62 -6.47
C GLU A 294 17.83 -3.34 -6.86
N MET A 295 17.08 -2.74 -5.94
CA MET A 295 16.34 -1.53 -6.29
C MET A 295 17.28 -0.36 -6.54
N ARG A 296 18.34 -0.23 -5.72
CA ARG A 296 19.25 0.90 -5.86
C ARG A 296 20.06 0.80 -7.15
N LYS A 297 20.35 -0.43 -7.61
CA LYS A 297 21.04 -0.58 -8.90
C LYS A 297 20.22 0.01 -10.03
N ARG A 298 18.90 0.04 -9.89
CA ARG A 298 18.02 0.46 -10.97
C ARG A 298 17.46 1.87 -10.80
N SER A 299 17.83 2.58 -9.74
CA SER A 299 17.25 3.90 -9.46
C SER A 299 17.38 4.86 -10.64
N SER A 300 18.54 4.88 -11.27
CA SER A 300 18.80 5.85 -12.34
C SER A 300 18.58 5.27 -13.73
N ILE A 301 18.10 4.04 -13.82
CA ILE A 301 17.80 3.39 -15.10
C ILE A 301 16.36 2.91 -15.12
N GLY A 302 15.45 3.73 -14.62
CA GLY A 302 14.03 3.52 -14.79
C GLY A 302 13.30 3.09 -13.54
N GLY A 303 14.03 2.78 -12.48
CA GLY A 303 13.44 2.34 -11.23
C GLY A 303 13.06 3.46 -10.27
N PHE A 304 13.22 3.21 -8.97
CA PHE A 304 12.80 4.14 -7.93
C PHE A 304 14.00 4.73 -7.21
N ASP A 305 13.90 6.00 -6.86
CA ASP A 305 14.88 6.69 -6.03
C ASP A 305 14.53 6.53 -4.55
N PHE A 306 15.54 6.69 -3.70
CA PHE A 306 15.34 6.59 -2.27
C PHE A 306 15.62 7.92 -1.60
N MET A 307 14.94 8.14 -0.47
CA MET A 307 15.17 9.33 0.34
C MET A 307 16.64 9.40 0.74
N PRO A 308 17.15 10.60 1.03
CA PRO A 308 18.58 10.73 1.35
C PRO A 308 18.93 9.96 2.61
N SER A 309 20.12 9.38 2.62
CA SER A 309 20.50 8.46 3.68
C SER A 309 20.79 9.22 4.98
N PRO A 310 20.61 8.57 6.12
CA PRO A 310 20.99 9.21 7.39
C PRO A 310 22.50 9.37 7.48
N PRO A 311 22.99 10.25 8.35
CA PRO A 311 24.44 10.46 8.48
C PRO A 311 25.10 9.29 9.18
N PRO A 312 26.42 9.16 9.07
CA PRO A 312 27.10 8.02 9.72
C PRO A 312 26.94 7.98 11.22
N THR A 313 26.68 9.12 11.87
CA THR A 313 26.41 9.11 13.30
C THR A 313 25.20 8.22 13.63
N TYR A 314 24.25 8.12 12.71
CA TYR A 314 23.09 7.24 12.93
C TYR A 314 23.53 5.80 13.09
N TYR A 315 24.40 5.32 12.19
CA TYR A 315 24.81 3.93 12.27
C TYR A 315 25.78 3.70 13.40
N GLN A 316 26.55 4.72 13.79
CA GLN A 316 27.35 4.63 15.01
C GLN A 316 26.45 4.45 16.24
N ASN A 317 25.36 5.23 16.32
CA ASN A 317 24.45 5.12 17.44
C ASN A 317 23.64 3.84 17.41
N LEU A 318 23.59 3.14 16.28
CA LEU A 318 22.79 1.92 16.20
C LEU A 318 23.43 0.79 17.00
N LYS A 319 24.75 0.84 17.20
CA LYS A 319 25.43 -0.19 17.97
C LYS A 319 24.83 -0.30 19.37
N LYS A 320 24.57 0.83 20.02
CA LYS A 320 23.99 0.80 21.37
C LYS A 320 22.51 0.44 21.36
N ARG A 321 21.80 0.73 20.26
CA ARG A 321 20.36 0.48 20.23
C ARG A 321 20.02 -0.94 19.82
N VAL A 322 20.71 -1.49 18.82
CA VAL A 322 20.30 -2.76 18.25
C VAL A 322 21.48 -3.71 18.19
N GLY A 323 22.51 -3.44 18.99
CA GLY A 323 23.73 -4.24 18.98
C GLY A 323 23.53 -5.70 19.35
N ASP A 324 22.39 -6.06 19.93
CA ASP A 324 22.10 -7.44 20.28
C ASP A 324 21.28 -8.17 19.22
N VAL A 325 20.81 -7.47 18.18
CA VAL A 325 20.01 -8.07 17.12
C VAL A 325 20.81 -8.18 15.83
N LEU A 326 21.62 -7.18 15.52
CA LEU A 326 22.41 -7.14 14.30
C LEU A 326 23.88 -7.14 14.63
N SER A 327 24.65 -7.88 13.85
CA SER A 327 26.10 -7.85 13.98
C SER A 327 26.64 -6.52 13.45
N ASP A 328 27.93 -6.28 13.69
CA ASP A 328 28.56 -5.07 13.16
C ASP A 328 28.61 -5.09 11.63
N ASP A 329 28.79 -6.28 11.04
CA ASP A 329 28.78 -6.39 9.59
C ASP A 329 27.42 -6.03 9.02
N GLN A 330 26.36 -6.55 9.65
CA GLN A 330 25.00 -6.25 9.18
C GLN A 330 24.62 -4.80 9.44
N ILE A 331 25.14 -4.21 10.52
CA ILE A 331 24.98 -2.77 10.70
C ILE A 331 25.69 -2.01 9.59
N LYS A 332 26.89 -2.45 9.23
CA LYS A 332 27.60 -1.84 8.12
C LYS A 332 26.83 -2.00 6.82
N GLU A 333 26.17 -3.15 6.64
CA GLU A 333 25.34 -3.37 5.46
C GLU A 333 24.14 -2.42 5.46
N CYS A 334 23.58 -2.13 6.64
CA CYS A 334 22.51 -1.13 6.72
C CYS A 334 23.04 0.25 6.33
N GLU A 335 24.28 0.56 6.70
CA GLU A 335 24.81 1.88 6.41
C GLU A 335 25.04 2.07 4.91
N GLU A 336 25.52 1.03 4.22
CA GLU A 336 25.73 1.14 2.78
C GLU A 336 24.42 1.44 2.06
N LEU A 337 23.35 0.78 2.47
CA LEU A 337 22.07 0.84 1.78
C LEU A 337 21.14 1.93 2.28
N GLY A 338 21.52 2.64 3.34
CA GLY A 338 20.71 3.71 3.88
C GLY A 338 19.49 3.23 4.67
N ILE A 339 19.53 2.02 5.20
CA ILE A 339 18.41 1.42 5.91
C ILE A 339 18.30 2.02 7.30
N LEU A 340 17.06 2.30 7.71
CA LEU A 340 16.71 2.73 9.07
C LEU A 340 16.37 1.53 9.93
N VAL A 341 16.65 1.64 11.23
CA VAL A 341 16.33 0.57 12.19
C VAL A 341 15.59 1.17 13.37
N ASP A 342 14.51 0.50 13.80
CA ASP A 342 13.82 0.90 15.02
C ASP A 342 13.48 -0.33 15.83
N ARG A 343 13.17 -0.10 17.10
CA ARG A 343 12.88 -1.16 18.05
C ARG A 343 11.63 -0.82 18.83
N ASP A 344 10.81 -1.83 19.10
CA ASP A 344 9.76 -1.72 20.09
C ASP A 344 10.15 -2.55 21.32
N ASP A 345 9.15 -2.97 22.08
CA ASP A 345 9.36 -3.85 23.22
C ASP A 345 9.41 -5.32 22.82
N GLN A 346 8.98 -5.67 21.61
CA GLN A 346 8.83 -7.05 21.20
C GLN A 346 9.63 -7.43 19.97
N GLY A 347 10.05 -6.48 19.14
CA GLY A 347 10.77 -6.81 17.92
C GLY A 347 11.53 -5.62 17.38
N THR A 348 12.18 -5.84 16.24
CA THR A 348 13.02 -4.85 15.59
C THR A 348 12.53 -4.64 14.16
N LEU A 349 12.66 -3.41 13.67
CA LEU A 349 12.17 -3.00 12.37
C LEU A 349 13.33 -2.46 11.53
N LEU A 350 13.51 -3.00 10.32
CA LEU A 350 14.36 -2.42 9.29
C LEU A 350 13.45 -1.79 8.22
N GLN A 351 13.73 -0.54 7.84
CA GLN A 351 12.84 0.16 6.91
C GLN A 351 13.60 1.18 6.08
N ILE A 352 13.03 1.53 4.93
CA ILE A 352 13.58 2.60 4.11
C ILE A 352 12.46 3.10 3.23
N PHE A 353 12.57 4.34 2.78
CA PHE A 353 11.49 5.00 2.05
C PHE A 353 11.97 5.46 0.68
N THR A 354 11.12 5.24 -0.33
CA THR A 354 11.40 5.80 -1.64
C THR A 354 11.00 7.27 -1.70
N LYS A 355 11.56 7.96 -2.70
CA LYS A 355 11.01 9.23 -3.12
C LYS A 355 9.62 8.98 -3.71
N PRO A 356 8.81 10.03 -3.86
CA PRO A 356 7.46 9.84 -4.43
C PRO A 356 7.50 9.07 -5.75
N LEU A 357 6.47 8.25 -5.97
CA LEU A 357 6.42 7.33 -7.09
C LEU A 357 6.12 8.02 -8.40
N GLY A 358 5.51 9.20 -8.36
CA GLY A 358 5.16 9.91 -9.58
C GLY A 358 5.50 11.38 -9.52
N ASP A 359 4.81 12.20 -10.33
CA ASP A 359 5.15 13.63 -10.44
C ASP A 359 4.91 14.38 -9.13
N ARG A 360 3.88 14.02 -8.38
CA ARG A 360 3.50 14.84 -7.24
C ARG A 360 4.15 14.30 -5.96
N PRO A 361 4.43 15.21 -4.98
CA PRO A 361 5.01 14.77 -3.69
C PRO A 361 3.95 14.15 -2.79
N THR A 362 3.39 13.02 -3.25
CA THR A 362 2.24 12.43 -2.60
C THR A 362 2.60 11.00 -2.21
N ILE A 363 2.25 9.98 -2.99
CA ILE A 363 2.44 8.60 -2.58
C ILE A 363 3.91 8.18 -2.73
N PHE A 364 4.38 7.39 -1.76
CA PHE A 364 5.71 6.77 -1.83
C PHE A 364 5.61 5.34 -1.30
N ILE A 365 6.74 4.62 -1.32
CA ILE A 365 6.77 3.23 -0.92
C ILE A 365 7.77 3.10 0.21
N GLU A 366 7.46 2.22 1.16
CA GLU A 366 8.38 1.82 2.21
C GLU A 366 8.71 0.34 2.02
N ILE A 367 9.99 -0.01 2.15
CA ILE A 367 10.42 -1.40 2.18
C ILE A 367 10.76 -1.72 3.62
N ILE A 368 10.26 -2.85 4.10
CA ILE A 368 10.33 -3.21 5.51
C ILE A 368 10.73 -4.67 5.66
N GLN A 369 11.46 -4.96 6.74
CA GLN A 369 11.58 -6.34 7.22
C GLN A 369 11.58 -6.32 8.73
N ARG A 370 10.88 -7.28 9.32
CA ARG A 370 10.66 -7.35 10.76
C ARG A 370 11.36 -8.58 11.34
N VAL A 371 11.93 -8.43 12.52
CA VAL A 371 12.64 -9.54 13.16
C VAL A 371 12.17 -9.63 14.61
N GLY A 372 11.71 -10.81 15.00
CA GLY A 372 11.21 -11.11 16.34
C GLY A 372 9.79 -11.62 16.28
N CYS A 373 9.14 -11.61 17.45
CA CYS A 373 7.72 -11.95 17.60
C CYS A 373 7.34 -13.23 16.85
N MET A 374 8.08 -14.30 17.11
CA MET A 374 7.79 -15.60 16.52
C MET A 374 6.90 -16.42 17.46
N MET A 375 5.91 -17.10 16.88
CA MET A 375 5.04 -17.98 17.65
C MET A 375 5.05 -19.37 17.05
N TYR A 383 5.19 -18.80 12.91
CA TYR A 383 4.76 -17.59 12.22
C TYR A 383 5.18 -16.33 12.99
N GLN A 384 5.16 -15.19 12.31
CA GLN A 384 5.48 -13.90 12.92
C GLN A 384 4.20 -13.11 13.13
N SER A 385 4.04 -12.53 14.32
CA SER A 385 2.84 -11.76 14.59
C SER A 385 2.92 -10.39 13.91
N GLY A 386 1.75 -9.81 13.65
CA GLY A 386 1.69 -8.61 12.86
C GLY A 386 2.23 -7.39 13.59
N GLY A 387 2.82 -6.49 12.82
CA GLY A 387 3.31 -5.25 13.39
C GLY A 387 4.52 -5.39 14.29
N CYS A 388 5.21 -6.53 14.23
CA CYS A 388 6.41 -6.76 15.04
C CYS A 388 7.43 -5.66 14.88
N GLY A 389 7.69 -4.90 15.94
CA GLY A 389 8.67 -3.85 15.92
C GLY A 389 8.08 -2.47 15.74
N GLY A 390 6.79 -2.36 15.46
CA GLY A 390 6.14 -1.07 15.32
C GLY A 390 6.18 -0.54 13.90
N PHE A 391 6.25 0.77 13.76
CA PHE A 391 6.21 1.40 12.44
C PHE A 391 7.32 2.42 12.26
N GLY A 392 8.24 2.52 13.21
CA GLY A 392 9.42 3.33 13.03
C GLY A 392 9.33 4.75 13.54
N LYS A 393 8.31 5.07 14.33
CA LYS A 393 8.14 6.44 14.81
C LYS A 393 9.30 6.90 15.66
N GLY A 394 10.03 5.99 16.30
CA GLY A 394 11.22 6.38 17.02
C GLY A 394 12.34 6.89 16.15
N ASN A 395 12.27 6.64 14.84
CA ASN A 395 13.35 7.08 13.96
C ASN A 395 13.31 8.59 13.72
N PHE A 396 12.19 9.26 14.02
CA PHE A 396 12.17 10.72 13.94
C PHE A 396 13.18 11.34 14.88
N SER A 397 13.08 10.99 16.17
CA SER A 397 14.01 11.55 17.16
C SER A 397 15.43 11.08 16.91
N GLU A 398 15.62 9.81 16.57
CA GLU A 398 16.96 9.28 16.37
C GLU A 398 17.63 9.90 15.14
N LEU A 399 16.86 10.11 14.07
CA LEU A 399 17.40 10.82 12.92
C LEU A 399 17.77 12.26 13.28
N PHE A 400 16.90 12.92 14.05
CA PHE A 400 17.17 14.27 14.53
C PHE A 400 18.48 14.32 15.32
N LYS A 401 18.58 13.45 16.35
CA LYS A 401 19.81 13.40 17.15
C LYS A 401 21.03 13.11 16.29
N SER A 402 20.88 12.24 15.29
CA SER A 402 21.99 11.92 14.41
C SER A 402 22.43 13.15 13.61
N ILE A 403 21.45 13.93 13.12
CA ILE A 403 21.77 15.12 12.34
C ILE A 403 22.49 16.14 13.21
N GLU A 404 22.02 16.35 14.43
CA GLU A 404 22.69 17.28 15.34
C GLU A 404 24.08 16.78 15.70
N GLU A 405 24.22 15.46 15.91
CA GLU A 405 25.53 14.91 16.27
C GLU A 405 26.50 15.00 15.09
N TYR A 406 26.02 14.79 13.87
CA TYR A 406 26.92 14.87 12.71
C TYR A 406 27.31 16.30 12.40
N GLU A 407 26.45 17.26 12.75
CA GLU A 407 26.86 18.66 12.66
C GLU A 407 28.00 18.94 13.62
N LYS A 408 27.96 18.37 14.82
CA LYS A 408 28.91 18.58 15.92
C LYS A 408 29.60 19.94 15.90
CO CO B . 5.16 2.77 7.46
C10 U7O C . 6.57 7.46 6.81
C15 U7O C . 12.01 9.04 10.01
C17 U7O C . 7.62 10.94 6.57
C21 U7O C . 4.81 6.36 10.70
C24 U7O C . 1.96 4.22 10.98
C1 U7O C . 5.07 5.43 9.72
C2 U7O C . 6.25 5.29 8.77
C3 U7O C . 7.45 6.20 8.91
O4 U7O C . 6.28 4.44 7.97
C5 U7O C . 8.41 5.94 10.04
C6 U7O C . 9.62 6.84 10.18
C7 U7O C . 9.83 7.98 9.17
C8 U7O C . 8.87 8.24 8.05
C9 U7O C . 7.64 7.32 7.91
N11 U7O C . 10.89 8.96 9.09
C12 U7O C . 10.62 9.84 7.94
N13 U7O C . 9.36 9.39 7.29
O14 U7O C . 11.32 10.75 7.63
C16 U7O C . 8.72 9.98 6.12
C18 U7O C . 4.04 4.54 9.72
N19 U7O C . 3.19 4.91 10.65
N20 U7O C . 3.66 6.04 11.27
O22 U7O C . 3.89 3.43 8.88
C23 U7O C . 5.61 7.59 11.15
C25 U7O C . 9.68 10.65 5.15
#